data_2ERG
#
_entry.id   2ERG
#
_cell.length_a   66.768
_cell.length_b   66.768
_cell.length_c   122.745
_cell.angle_alpha   90.00
_cell.angle_beta   90.00
_cell.angle_gamma   120.00
#
_symmetry.space_group_name_H-M   'P 62'
#
loop_
_entity.id
_entity.type
_entity.pdbx_description
1 polymer "5'-D(*TP*TP*GP*CP*CP*GP*GP*TP*AP*CP*CP*GP*GP*CP*A)-3'"
2 polymer 'Regulatory protein LEU3'
3 non-polymer 'ZINC ION'
4 water water
#
loop_
_entity_poly.entity_id
_entity_poly.type
_entity_poly.pdbx_seq_one_letter_code
_entity_poly.pdbx_strand_id
1 'polydeoxyribonucleotide' (DT)(DT)(DG)(DC)(DC)(DG)(DG)(DT)(DA)(DC)(DC)(DG)(DG)(DC)(DA) C,D
2 'polypeptide(L)' KRKFACVECRQQKSKCDACERAPEPCTKCAKKNVPCILKRDFRRTYKRARNEAIEKRFKELTRTLTNLTSDE A,B
#
loop_
_chem_comp.id
_chem_comp.type
_chem_comp.name
_chem_comp.formula
DA DNA linking 2'-DEOXYADENOSINE-5'-MONOPHOSPHATE 'C10 H14 N5 O6 P'
DC DNA linking 2'-DEOXYCYTIDINE-5'-MONOPHOSPHATE 'C9 H14 N3 O7 P'
DG DNA linking 2'-DEOXYGUANOSINE-5'-MONOPHOSPHATE 'C10 H14 N5 O7 P'
DT DNA linking THYMIDINE-5'-MONOPHOSPHATE 'C10 H15 N2 O8 P'
ZN non-polymer 'ZINC ION' 'Zn 2'
#
# COMPACT_ATOMS: atom_id res chain seq x y z
N PHE C 4 -14.29 3.31 22.41
CA PHE C 4 -13.79 2.40 21.38
C PHE C 4 -12.54 2.95 20.67
N ALA C 5 -12.52 2.89 19.34
CA ALA C 5 -11.34 3.34 18.57
C ALA C 5 -11.60 4.37 17.47
N CYS C 6 -10.77 5.41 17.45
CA CYS C 6 -10.91 6.45 16.44
C CYS C 6 -10.69 5.83 15.08
N VAL C 7 -11.47 6.25 14.11
CA VAL C 7 -11.36 5.69 12.76
C VAL C 7 -9.92 5.37 12.38
N GLU C 8 -9.08 6.39 12.33
CA GLU C 8 -7.69 6.16 11.98
C GLU C 8 -7.02 5.02 12.75
N CYS C 9 -7.05 5.08 14.08
CA CYS C 9 -6.42 4.00 14.85
C CYS C 9 -7.01 2.64 14.43
N ARG C 10 -8.29 2.64 14.16
CA ARG C 10 -8.95 1.43 13.70
C ARG C 10 -8.33 1.00 12.38
N GLN C 11 -8.02 1.98 11.55
CA GLN C 11 -7.42 1.73 10.26
C GLN C 11 -6.10 1.01 10.41
N GLN C 12 -5.21 1.56 11.23
CA GLN C 12 -3.91 0.94 11.44
C GLN C 12 -3.90 -0.07 12.57
N LYS C 13 -5.09 -0.42 13.05
CA LYS C 13 -5.21 -1.39 14.14
C LYS C 13 -4.23 -1.06 15.19
N SER C 14 -4.18 0.20 15.59
CA SER C 14 -3.20 0.59 16.58
C SER C 14 -3.88 1.08 17.83
N LYS C 15 -3.26 0.91 18.99
CA LYS C 15 -3.87 1.35 20.23
C LYS C 15 -4.36 2.79 20.06
N CYS C 16 -5.65 3.00 20.24
CA CYS C 16 -6.22 4.35 20.14
C CYS C 16 -6.60 4.64 21.56
N ASP C 17 -6.28 5.82 22.06
CA ASP C 17 -6.62 6.16 23.43
C ASP C 17 -7.55 7.36 23.46
N ALA C 18 -8.78 7.19 22.97
CA ALA C 18 -9.77 8.26 22.92
C ALA C 18 -10.42 8.54 24.27
N CYS C 19 -11.46 7.76 24.59
CA CYS C 19 -12.18 7.91 25.85
C CYS C 19 -11.21 8.54 26.84
N GLU C 20 -10.15 7.79 27.15
CA GLU C 20 -9.13 8.26 28.07
C GLU C 20 -8.88 9.75 27.85
N ARG C 21 -7.85 10.08 27.06
CA ARG C 21 -7.51 11.46 26.77
C ARG C 21 -8.71 12.25 26.24
N ALA C 22 -9.59 12.60 27.18
CA ALA C 22 -10.84 13.34 27.00
C ALA C 22 -11.27 13.83 25.60
N PRO C 23 -11.92 14.99 25.57
CA PRO C 23 -12.41 15.58 24.34
C PRO C 23 -11.29 15.78 23.34
N GLU C 24 -10.06 15.80 23.84
CA GLU C 24 -8.89 15.97 23.00
C GLU C 24 -8.75 14.74 22.08
N PRO C 25 -8.69 14.97 20.75
CA PRO C 25 -8.55 13.92 19.73
C PRO C 25 -7.57 12.82 20.15
N CYS C 26 -7.76 11.61 19.62
CA CYS C 26 -6.89 10.49 19.98
C CYS C 26 -5.42 10.89 19.85
N THR C 27 -4.58 10.33 20.72
CA THR C 27 -3.15 10.64 20.74
C THR C 27 -2.48 10.50 19.37
N LYS C 28 -2.46 9.28 18.84
CA LYS C 28 -1.84 9.06 17.53
C LYS C 28 -2.36 10.08 16.53
N CYS C 29 -3.66 10.39 16.62
CA CYS C 29 -4.27 11.37 15.72
C CYS C 29 -3.67 12.76 15.97
N ALA C 30 -2.80 12.82 16.96
CA ALA C 30 -2.11 14.05 17.29
C ALA C 30 -0.93 14.09 16.33
N LYS C 31 0.04 13.22 16.59
CA LYS C 31 1.22 13.16 15.74
C LYS C 31 0.77 13.42 14.31
N LYS C 32 -0.32 12.77 13.92
CA LYS C 32 -0.85 12.93 12.57
C LYS C 32 -1.57 14.24 12.38
N ASN C 33 -2.21 14.72 13.44
CA ASN C 33 -2.97 15.95 13.34
C ASN C 33 -3.95 15.75 12.20
N VAL C 34 -5.00 14.99 12.50
CA VAL C 34 -6.04 14.70 11.53
C VAL C 34 -7.36 14.68 12.28
N PRO C 35 -8.47 14.76 11.55
CA PRO C 35 -9.81 14.75 12.15
C PRO C 35 -10.05 13.40 12.79
N CYS C 36 -9.92 13.36 14.11
CA CYS C 36 -10.12 12.14 14.88
C CYS C 36 -11.61 11.81 14.99
N ILE C 37 -12.18 11.25 13.92
CA ILE C 37 -13.59 10.89 13.89
C ILE C 37 -13.88 9.61 14.70
N LEU C 38 -15.12 9.47 15.15
CA LEU C 38 -15.54 8.31 15.94
C LEU C 38 -16.80 7.69 15.34
N LYS C 39 -16.66 6.89 14.28
CA LYS C 39 -17.82 6.27 13.66
C LYS C 39 -17.95 4.80 14.06
N ARG C 40 -18.45 4.57 15.27
CA ARG C 40 -18.63 3.25 15.84
C ARG C 40 -18.94 2.14 14.84
N ASP C 41 -19.47 2.52 13.68
CA ASP C 41 -19.82 1.56 12.64
C ASP C 41 -18.76 1.50 11.54
N PHE C 42 -17.49 1.83 11.87
CA PHE C 42 -16.41 1.82 10.88
C PHE C 42 -15.56 0.55 10.89
N ARG C 43 -15.05 0.18 9.72
CA ARG C 43 -14.22 -1.00 9.59
C ARG C 43 -13.06 -0.71 8.62
N ARG C 44 -11.83 -0.81 9.12
CA ARG C 44 -10.63 -0.54 8.32
C ARG C 44 -10.69 -1.07 6.90
N THR C 45 -10.09 -0.34 5.97
CA THR C 45 -10.04 -0.75 4.57
C THR C 45 -8.77 -1.55 4.40
N TYR C 46 -8.86 -2.67 3.68
CA TYR C 46 -7.68 -3.49 3.46
C TYR C 46 -6.91 -3.01 2.25
N LYS C 47 -6.32 -1.83 2.35
CA LYS C 47 -5.53 -1.17 1.31
C LYS C 47 -4.84 -2.11 0.31
N ARG C 48 -3.83 -2.82 0.78
CA ARG C 48 -3.09 -3.74 -0.04
C ARG C 48 -4.08 -4.51 -0.92
N ALA C 49 -4.65 -5.57 -0.37
CA ALA C 49 -5.62 -6.42 -1.08
C ALA C 49 -6.57 -5.63 -1.97
N ARG C 50 -7.11 -4.55 -1.42
CA ARG C 50 -8.04 -3.72 -2.17
C ARG C 50 -7.42 -3.27 -3.48
N ASN C 51 -6.52 -2.30 -3.39
CA ASN C 51 -5.84 -1.76 -4.56
C ASN C 51 -5.44 -2.88 -5.51
N GLU C 52 -5.09 -4.03 -4.95
CA GLU C 52 -4.67 -5.16 -5.77
C GLU C 52 -5.83 -5.61 -6.67
N ALA C 53 -7.03 -5.59 -6.09
CA ALA C 53 -8.22 -5.94 -6.83
C ALA C 53 -8.36 -4.86 -7.90
N ILE C 54 -8.47 -3.61 -7.43
CA ILE C 54 -8.59 -2.45 -8.30
C ILE C 54 -7.76 -2.67 -9.55
N GLU C 55 -6.43 -2.70 -9.37
CA GLU C 55 -5.54 -2.89 -10.50
C GLU C 55 -5.97 -4.03 -11.40
N LYS C 56 -6.34 -5.16 -10.82
CA LYS C 56 -6.78 -6.28 -11.64
C LYS C 56 -7.96 -5.85 -12.49
N ARG C 57 -8.96 -5.24 -11.86
CA ARG C 57 -10.15 -4.79 -12.59
C ARG C 57 -9.72 -3.81 -13.68
N PHE C 58 -9.24 -2.65 -13.28
CA PHE C 58 -8.77 -1.65 -14.23
C PHE C 58 -8.05 -2.30 -15.41
N LYS C 59 -7.33 -3.39 -15.15
CA LYS C 59 -6.62 -4.08 -16.23
C LYS C 59 -7.61 -4.49 -17.32
N GLU C 60 -8.33 -5.58 -17.07
CA GLU C 60 -9.32 -6.08 -18.02
C GLU C 60 -9.89 -4.95 -18.86
N LEU C 61 -10.57 -4.01 -18.19
CA LEU C 61 -11.17 -2.87 -18.89
C LEU C 61 -10.30 -2.45 -20.08
N THR C 62 -9.00 -2.28 -19.87
CA THR C 62 -8.13 -1.91 -20.97
C THR C 62 -8.15 -3.02 -22.03
N ARG C 63 -7.94 -4.26 -21.60
CA ARG C 63 -7.97 -5.37 -22.53
C ARG C 63 -9.32 -5.42 -23.24
N THR C 64 -10.32 -4.72 -22.69
CA THR C 64 -11.63 -4.65 -23.32
C THR C 64 -11.43 -3.67 -24.47
N LEU C 65 -10.88 -2.51 -24.14
CA LEU C 65 -10.59 -1.45 -25.10
C LEU C 65 -9.66 -1.99 -26.19
N THR C 66 -9.03 -3.14 -25.92
CA THR C 66 -8.14 -3.78 -26.87
C THR C 66 -9.02 -4.39 -27.95
N ASN C 67 -10.33 -4.31 -27.74
CA ASN C 67 -11.31 -4.84 -28.67
C ASN C 67 -12.33 -3.78 -29.04
N LEU C 68 -13.32 -3.60 -28.17
CA LEU C 68 -14.38 -2.61 -28.40
C LEU C 68 -13.77 -1.23 -28.64
N PHE D 4 25.67 -4.83 -5.62
CA PHE D 4 24.67 -3.80 -5.39
C PHE D 4 23.52 -4.33 -4.54
N ALA D 5 22.30 -4.11 -5.00
CA ALA D 5 21.13 -4.57 -4.25
C ALA D 5 20.12 -5.44 -4.99
N CYS D 6 19.71 -6.53 -4.35
CA CYS D 6 18.75 -7.44 -4.96
C CYS D 6 17.46 -6.68 -5.18
N VAL D 7 16.80 -6.92 -6.31
CA VAL D 7 15.56 -6.21 -6.61
C VAL D 7 14.71 -5.98 -5.39
N GLU D 8 14.28 -7.04 -4.73
CA GLU D 8 13.45 -6.89 -3.55
C GLU D 8 14.01 -5.91 -2.51
N CYS D 9 15.24 -6.12 -2.07
CA CYS D 9 15.82 -5.19 -1.09
C CYS D 9 15.75 -3.75 -1.62
N ARG D 10 15.98 -3.59 -2.91
CA ARG D 10 15.90 -2.29 -3.55
C ARG D 10 14.48 -1.78 -3.39
N GLN D 11 13.51 -2.67 -3.50
CA GLN D 11 12.11 -2.32 -3.38
C GLN D 11 11.83 -1.73 -2.02
N GLN D 12 12.22 -2.46 -0.98
CA GLN D 12 11.98 -1.96 0.38
C GLN D 12 13.10 -1.10 0.91
N LYS D 13 14.02 -0.71 0.02
CA LYS D 13 15.15 0.14 0.40
C LYS D 13 15.72 -0.40 1.65
N SER D 14 15.98 -1.69 1.69
CA SER D 14 16.51 -2.28 2.92
C SER D 14 17.88 -2.85 2.66
N LYS D 15 18.74 -2.86 3.68
CA LYS D 15 20.08 -3.40 3.51
C LYS D 15 20.00 -4.77 2.82
N CYS D 16 20.62 -4.89 1.66
CA CYS D 16 20.62 -6.15 0.95
C CYS D 16 22.06 -6.59 1.06
N ASP D 17 22.30 -7.85 1.40
CA ASP D 17 23.67 -8.32 1.52
C ASP D 17 23.95 -9.43 0.54
N ALA D 18 23.95 -9.10 -0.75
CA ALA D 18 24.19 -10.09 -1.82
C ALA D 18 25.66 -10.46 -1.98
N CYS D 19 26.40 -9.64 -2.72
CA CYS D 19 27.82 -9.88 -2.96
C CYS D 19 28.33 -10.69 -1.78
N GLU D 20 28.28 -10.08 -0.62
CA GLU D 20 28.72 -10.73 0.61
C GLU D 20 28.31 -12.20 0.59
N ARG D 21 27.17 -12.52 1.21
CA ARG D 21 26.66 -13.89 1.27
C ARG D 21 26.55 -14.49 -0.12
N ALA D 22 27.72 -14.87 -0.65
CA ALA D 22 27.95 -15.49 -1.96
C ALA D 22 26.78 -15.78 -2.91
N PRO D 23 26.91 -16.88 -3.65
CA PRO D 23 25.90 -17.27 -4.62
C PRO D 23 24.54 -17.44 -3.96
N GLU D 24 24.56 -17.62 -2.65
CA GLU D 24 23.33 -17.79 -1.89
C GLU D 24 22.52 -16.47 -1.94
N PRO D 25 21.24 -16.55 -2.38
CA PRO D 25 20.33 -15.40 -2.50
C PRO D 25 20.45 -14.44 -1.31
N CYS D 26 20.13 -13.16 -1.53
CA CYS D 26 20.23 -12.17 -0.47
C CYS D 26 19.53 -12.67 0.81
N THR D 27 20.09 -12.29 1.96
CA THR D 27 19.54 -12.72 3.26
C THR D 27 18.04 -12.48 3.39
N LYS D 28 17.64 -11.21 3.38
CA LYS D 28 16.22 -10.88 3.51
C LYS D 28 15.40 -11.74 2.55
N CYS D 29 15.93 -11.94 1.34
CA CYS D 29 15.26 -12.76 0.33
C CYS D 29 15.15 -14.21 0.81
N ALA D 30 15.75 -14.46 1.96
CA ALA D 30 15.70 -15.78 2.58
C ALA D 30 14.38 -15.80 3.32
N LYS D 31 14.33 -15.05 4.43
CA LYS D 31 13.12 -14.98 5.21
C LYS D 31 11.94 -15.04 4.26
N LYS D 32 12.02 -14.26 3.18
CA LYS D 32 10.96 -14.21 2.19
C LYS D 32 10.94 -15.43 1.30
N ASN D 33 12.11 -15.97 1.03
CA ASN D 33 12.21 -17.12 0.15
C ASN D 33 11.54 -16.70 -1.14
N VAL D 34 12.25 -15.90 -1.91
CA VAL D 34 11.76 -15.42 -3.19
C VAL D 34 12.95 -15.37 -4.15
N PRO D 35 12.66 -15.29 -5.45
CA PRO D 35 13.70 -15.23 -6.47
C PRO D 35 14.50 -13.95 -6.31
N CYS D 36 15.68 -14.07 -5.70
CA CYS D 36 16.56 -12.94 -5.48
C CYS D 36 17.23 -12.51 -6.78
N ILE D 37 16.49 -11.79 -7.62
CA ILE D 37 17.02 -11.30 -8.90
C ILE D 37 17.97 -10.12 -8.72
N LEU D 38 18.87 -9.93 -9.70
CA LEU D 38 19.84 -8.84 -9.66
C LEU D 38 19.78 -8.04 -10.97
N LYS D 39 18.81 -7.15 -11.12
CA LYS D 39 18.72 -6.37 -12.34
C LYS D 39 19.25 -4.95 -12.14
N ARG D 40 20.58 -4.82 -12.16
CA ARG D 40 21.28 -3.55 -11.97
C ARG D 40 20.55 -2.32 -12.47
N ASP D 41 19.65 -2.52 -13.42
CA ASP D 41 18.88 -1.41 -14.00
C ASP D 41 17.47 -1.32 -13.40
N PHE D 42 17.29 -1.79 -12.16
CA PHE D 42 15.98 -1.75 -11.50
C PHE D 42 15.79 -0.57 -10.57
N ARG D 43 14.55 -0.11 -10.46
CA ARG D 43 14.20 1.01 -9.60
C ARG D 43 12.85 0.74 -8.91
N ARG D 44 12.86 0.70 -7.58
CA ARG D 44 11.67 0.41 -6.78
C ARG D 44 10.43 1.11 -7.28
N THR D 45 9.28 0.45 -7.13
CA THR D 45 8.00 1.01 -7.54
C THR D 45 7.42 1.73 -6.34
N TYR D 46 6.85 2.89 -6.55
CA TYR D 46 6.31 3.61 -5.43
C TYR D 46 4.86 3.27 -5.21
N LYS D 47 4.66 2.03 -4.77
CA LYS D 47 3.34 1.44 -4.49
C LYS D 47 2.24 2.43 -4.10
N ARG D 48 2.37 2.99 -2.90
CA ARG D 48 1.41 3.95 -2.40
C ARG D 48 1.02 4.88 -3.55
N ALA D 49 1.82 5.92 -3.75
CA ALA D 49 1.58 6.91 -4.80
C ALA D 49 1.04 6.32 -6.09
N ARG D 50 1.67 5.23 -6.53
CA ARG D 50 1.25 4.57 -7.75
C ARG D 50 -0.23 4.22 -7.71
N ASN D 51 -0.55 3.18 -6.96
CA ASN D 51 -1.93 2.73 -6.81
C ASN D 51 -2.87 3.91 -6.64
N GLU D 52 -2.39 4.96 -5.97
CA GLU D 52 -3.20 6.15 -5.76
C GLU D 52 -3.58 6.79 -7.09
N ALA D 53 -2.61 6.80 -8.00
CA ALA D 53 -2.83 7.34 -9.33
C ALA D 53 -3.84 6.40 -9.97
N ILE D 54 -3.47 5.12 -10.04
CA ILE D 54 -4.33 4.07 -10.60
C ILE D 54 -5.78 4.37 -10.25
N GLU D 55 -6.10 4.27 -8.96
CA GLU D 55 -7.46 4.52 -8.52
C GLU D 55 -8.04 5.79 -9.10
N LYS D 56 -7.28 6.87 -9.09
CA LYS D 56 -7.79 8.11 -9.65
C LYS D 56 -8.18 7.88 -11.11
N ARG D 57 -7.27 7.29 -11.89
CA ARG D 57 -7.54 7.02 -13.29
C ARG D 57 -8.80 6.15 -13.41
N PHE D 58 -8.69 4.91 -12.96
CA PHE D 58 -9.82 3.99 -12.99
C PHE D 58 -11.13 4.71 -12.66
N LYS D 59 -11.07 5.71 -11.78
CA LYS D 59 -12.28 6.45 -11.41
C LYS D 59 -12.88 7.06 -12.67
N GLU D 60 -12.29 8.17 -13.13
CA GLU D 60 -12.78 8.86 -14.32
C GLU D 60 -13.43 7.89 -15.28
N LEU D 61 -12.65 6.94 -15.79
CA LEU D 61 -13.17 5.94 -16.73
C LEU D 61 -14.62 5.59 -16.40
N THR D 62 -14.90 5.29 -15.13
CA THR D 62 -16.28 4.98 -14.77
C THR D 62 -17.15 6.20 -15.03
N ARG D 63 -16.74 7.37 -14.53
CA ARG D 63 -17.51 8.59 -14.76
C ARG D 63 -17.67 8.82 -16.27
N THR D 64 -16.85 8.15 -17.07
CA THR D 64 -16.97 8.26 -18.53
C THR D 64 -18.18 7.41 -18.87
N LEU D 65 -18.16 6.17 -18.37
CA LEU D 65 -19.24 5.22 -18.57
C LEU D 65 -20.55 5.81 -18.04
N THR D 66 -20.44 6.85 -17.22
CA THR D 66 -21.59 7.53 -16.66
C THR D 66 -22.22 8.33 -17.79
N ASN D 67 -21.55 8.33 -18.94
CA ASN D 67 -22.02 9.05 -20.11
C ASN D 67 -22.07 8.11 -21.32
N LEU D 68 -20.91 7.94 -21.96
CA LEU D 68 -20.81 7.06 -23.12
C LEU D 68 -21.36 5.67 -22.80
ZN ZN E . -7.91 9.25 17.08
ZN ZN F . -6.91 6.70 18.18
ZN ZN G . 18.04 -10.53 -2.30
ZN ZN H . 18.88 -8.21 -0.66
#